data_9KR7
#
_entry.id   9KR7
#
_cell.length_a   1.00
_cell.length_b   1.00
_cell.length_c   1.00
_cell.angle_alpha   90.00
_cell.angle_beta   90.00
_cell.angle_gamma   90.00
#
_symmetry.space_group_name_H-M   'P 1'
#
loop_
_entity.id
_entity.type
_entity.pdbx_description
1 polymer 'Sodium- and chloride-dependent creatine transporter 1'
2 non-polymer 'CHLORIDE ION'
3 water water
#
_entity_poly.entity_id   1
_entity_poly.type   'polypeptide(L)'
_entity_poly.pdbx_seq_one_letter_code
;MAKKSAENGIYSVSGDEKKGPLIAPGPDGAPAKGDGPVGLGTPGGRLAVPPRETWTRQMDFIMSCVGFAVGLGNVWRFPY
LCYKNGGGVFLIPYVLIALVGGIPIFFLEISLGQFMKAGSINVWNICPLFKGLGYASMVIVFYCNTYYIMVLAWGFYYLV
KSFTTTLPWATCGHTWNTPDCVEIFRHEDCANASLANLTCDQLADRRSPVIEFWENKVLRLSGGLEVPGALNWEVTLCLL
ACWVLVYFCVWKGVKSTGKIVYFTATFPYVVLVVLLVRGVLLPGALDGIIYYLKPDWSKLGSPQVWIDAGTQIFFSYAIG
LGALTALGSYNRFNNNCYKDAIILALINSGTSFFAGFVVFSILGFMAAEQGVHISKVAESGPGLAFIAYPRAVTLMPVAP
LWAALFFFMLLLLGLDSQFVGVEGFITGLLDLLPASYYFRFQREISVALCCALCFVIDLSMVTDGGMYVFQLFDYYSASG
TTLLWQAFWECVVVAWVYGADRFMDDIACMIGYRPCPWMKWCWSFFTPLVCMGIFIFNVVYYEPLVYNNTYVYPWWGEAM
GWAFALSSMLCVPLHLLGCLLRAKGTMAERWQHLTQPIWGLHHLEYRAQDADVRGLTTLTPVSESSKVVVVESVM
;
_entity_poly.pdbx_strand_id   A
#
loop_
_chem_comp.id
_chem_comp.type
_chem_comp.name
_chem_comp.formula
CL non-polymer 'CHLORIDE ION' 'Cl -1'
#
# COMPACT_ATOMS: atom_id res chain seq x y z
N THR A 56 -2.96 0.72 -33.69
CA THR A 56 -2.84 2.17 -33.72
C THR A 56 -2.51 2.73 -32.35
N ARG A 57 -3.54 3.04 -31.58
CA ARG A 57 -3.36 3.63 -30.24
C ARG A 57 -3.20 2.53 -29.19
N GLN A 58 -2.14 1.75 -29.36
CA GLN A 58 -1.76 0.77 -28.34
C GLN A 58 -1.36 1.47 -27.04
N MET A 59 -0.81 2.68 -27.16
CA MET A 59 -0.35 3.43 -25.99
C MET A 59 -1.45 3.56 -24.95
N ASP A 60 -2.70 3.69 -25.40
CA ASP A 60 -3.83 3.78 -24.47
C ASP A 60 -3.81 2.63 -23.47
N PHE A 61 -3.68 1.39 -23.97
CA PHE A 61 -3.62 0.25 -23.07
C PHE A 61 -2.53 0.44 -22.04
N ILE A 62 -1.34 0.86 -22.48
CA ILE A 62 -0.22 1.07 -21.57
C ILE A 62 -0.63 2.03 -20.46
N MET A 63 -1.30 3.12 -20.84
CA MET A 63 -1.73 4.10 -19.84
C MET A 63 -2.65 3.45 -18.82
N SER A 64 -3.61 2.63 -19.28
CA SER A 64 -4.46 1.91 -18.35
C SER A 64 -3.62 1.17 -17.34
N CYS A 65 -2.58 0.47 -17.81
CA CYS A 65 -1.70 -0.25 -16.89
C CYS A 65 -1.12 0.69 -15.85
N VAL A 66 -0.51 1.80 -16.27
CA VAL A 66 0.05 2.69 -15.27
C VAL A 66 -1.08 3.35 -14.49
N GLY A 67 -2.23 3.55 -15.12
CA GLY A 67 -3.39 4.08 -14.43
C GLY A 67 -3.84 3.20 -13.29
N PHE A 68 -3.41 1.94 -13.28
CA PHE A 68 -3.64 1.05 -12.15
C PHE A 68 -2.39 0.79 -11.32
N ALA A 69 -1.20 1.02 -11.88
CA ALA A 69 0.02 0.58 -11.20
C ALA A 69 0.48 1.60 -10.15
N VAL A 70 0.83 2.81 -10.61
CA VAL A 70 1.41 3.80 -9.71
C VAL A 70 0.39 4.23 -8.67
N GLY A 71 0.82 4.34 -7.43
CA GLY A 71 -0.02 4.79 -6.36
C GLY A 71 0.82 5.38 -5.25
N LEU A 72 0.25 5.46 -4.04
CA LEU A 72 0.99 6.05 -2.89
C LEU A 72 1.90 4.98 -2.27
N GLY A 73 1.60 3.69 -2.50
CA GLY A 73 2.44 2.60 -1.97
C GLY A 73 3.82 2.62 -2.60
N ASN A 74 3.97 3.29 -3.74
CA ASN A 74 5.27 3.39 -4.44
C ASN A 74 5.98 4.69 -4.06
N VAL A 75 5.26 5.81 -4.08
CA VAL A 75 5.89 7.14 -3.81
C VAL A 75 6.12 7.32 -2.31
N TRP A 76 5.29 6.73 -1.44
CA TRP A 76 5.42 7.00 0.01
C TRP A 76 5.89 5.76 0.79
N ARG A 77 5.21 4.61 0.63
CA ARG A 77 5.54 3.44 1.48
C ARG A 77 6.90 2.85 1.08
N PHE A 78 7.14 2.61 -0.20
CA PHE A 78 8.42 1.95 -0.61
C PHE A 78 9.60 2.72 -0.01
N PRO A 79 9.76 4.05 -0.24
CA PRO A 79 10.92 4.75 0.29
C PRO A 79 11.01 4.63 1.81
N TYR A 80 9.88 4.76 2.49
CA TYR A 80 9.87 4.70 3.98
C TYR A 80 10.37 3.32 4.44
N LEU A 81 9.84 2.26 3.84
CA LEU A 81 10.27 0.88 4.19
C LEU A 81 11.77 0.74 3.89
N CYS A 82 12.20 1.18 2.71
CA CYS A 82 13.62 1.03 2.32
C CYS A 82 14.51 1.71 3.37
N TYR A 83 14.20 2.96 3.73
CA TYR A 83 15.04 3.73 4.69
C TYR A 83 15.02 3.03 6.04
N LYS A 84 13.83 2.54 6.45
CA LYS A 84 13.69 1.89 7.77
C LYS A 84 14.59 0.65 7.84
N ASN A 85 14.69 -0.12 6.75
CA ASN A 85 15.48 -1.38 6.78
C ASN A 85 16.88 -1.16 6.22
N GLY A 86 17.23 0.06 5.84
CA GLY A 86 18.52 0.27 5.19
C GLY A 86 18.36 0.16 3.69
N GLY A 87 19.00 1.06 2.95
CA GLY A 87 18.75 1.18 1.53
C GLY A 87 19.02 -0.04 0.68
N GLY A 88 20.30 -0.40 0.54
CA GLY A 88 20.66 -1.44 -0.40
C GLY A 88 20.14 -2.82 -0.01
N VAL A 89 20.21 -3.14 1.28
CA VAL A 89 19.87 -4.49 1.73
C VAL A 89 18.39 -4.79 1.52
N PHE A 90 17.55 -3.75 1.44
CA PHE A 90 16.13 -3.97 1.24
C PHE A 90 15.79 -4.43 -0.18
N LEU A 91 16.64 -4.12 -1.16
CA LEU A 91 16.32 -4.42 -2.54
C LEU A 91 16.49 -5.89 -2.89
N ILE A 92 17.43 -6.58 -2.25
CA ILE A 92 17.64 -7.99 -2.56
C ILE A 92 16.43 -8.85 -2.21
N PRO A 93 15.88 -8.81 -0.99
CA PRO A 93 14.60 -9.50 -0.76
C PRO A 93 13.49 -8.96 -1.61
N TYR A 94 13.49 -7.66 -1.91
CA TYR A 94 12.48 -7.10 -2.78
C TYR A 94 12.50 -7.78 -4.15
N VAL A 95 13.68 -7.85 -4.77
CA VAL A 95 13.78 -8.48 -6.09
C VAL A 95 13.44 -9.95 -6.00
N LEU A 96 13.94 -10.64 -4.97
CA LEU A 96 13.71 -12.08 -4.87
C LEU A 96 12.22 -12.39 -4.71
N ILE A 97 11.53 -11.65 -3.84
CA ILE A 97 10.11 -11.89 -3.63
C ILE A 97 9.29 -11.44 -4.85
N ALA A 98 9.73 -10.39 -5.54
CA ALA A 98 9.03 -9.98 -6.74
C ALA A 98 9.11 -11.05 -7.82
N LEU A 99 10.26 -11.70 -7.94
CA LEU A 99 10.39 -12.76 -8.93
C LEU A 99 9.66 -14.03 -8.50
N VAL A 100 9.74 -14.37 -7.21
CA VAL A 100 9.22 -15.65 -6.73
C VAL A 100 7.80 -15.52 -6.19
N GLY A 101 7.51 -14.47 -5.45
CA GLY A 101 6.19 -14.33 -4.87
C GLY A 101 5.33 -13.28 -5.54
N GLY A 102 5.93 -12.16 -5.94
CA GLY A 102 5.18 -11.07 -6.50
C GLY A 102 4.55 -11.36 -7.84
N ILE A 103 5.39 -11.54 -8.87
CA ILE A 103 4.87 -11.77 -10.22
C ILE A 103 4.03 -13.03 -10.31
N PRO A 104 4.43 -14.19 -9.75
CA PRO A 104 3.56 -15.37 -9.87
C PRO A 104 2.18 -15.18 -9.26
N ILE A 105 2.07 -14.57 -8.09
CA ILE A 105 0.76 -14.34 -7.51
C ILE A 105 -0.01 -13.28 -8.31
N PHE A 106 0.69 -12.27 -8.81
CA PHE A 106 0.06 -11.29 -9.69
C PHE A 106 -0.62 -11.99 -10.86
N PHE A 107 0.14 -12.83 -11.56
CA PHE A 107 -0.40 -13.55 -12.71
C PHE A 107 -1.50 -14.51 -12.30
N LEU A 108 -1.34 -15.17 -11.16
CA LEU A 108 -2.37 -16.09 -10.67
C LEU A 108 -3.68 -15.36 -10.45
N GLU A 109 -3.65 -14.23 -9.75
CA GLU A 109 -4.87 -13.48 -9.47
C GLU A 109 -5.50 -12.94 -10.74
N ILE A 110 -4.69 -12.36 -11.63
CA ILE A 110 -5.26 -11.79 -12.86
C ILE A 110 -5.90 -12.89 -13.70
N SER A 111 -5.18 -14.01 -13.87
CA SER A 111 -5.72 -15.11 -14.67
C SER A 111 -6.96 -15.71 -14.03
N LEU A 112 -6.97 -15.83 -12.70
CA LEU A 112 -8.14 -16.37 -12.02
C LEU A 112 -9.35 -15.46 -12.19
N GLY A 113 -9.16 -14.15 -12.05
CA GLY A 113 -10.25 -13.22 -12.27
C GLY A 113 -10.75 -13.26 -13.70
N GLN A 114 -9.83 -13.33 -14.67
CA GLN A 114 -10.23 -13.40 -16.07
C GLN A 114 -10.97 -14.69 -16.38
N PHE A 115 -10.51 -15.81 -15.82
CA PHE A 115 -11.12 -17.10 -16.09
C PHE A 115 -12.50 -17.20 -15.45
N MET A 116 -12.62 -16.78 -14.20
CA MET A 116 -13.90 -16.82 -13.52
C MET A 116 -14.85 -15.72 -13.96
N LYS A 117 -14.33 -14.67 -14.60
CA LYS A 117 -15.13 -13.55 -15.11
C LYS A 117 -15.92 -12.87 -13.99
N ALA A 118 -15.41 -12.94 -12.76
CA ALA A 118 -16.11 -12.35 -11.62
C ALA A 118 -15.09 -11.97 -10.56
N GLY A 119 -15.35 -10.85 -9.88
CA GLY A 119 -14.51 -10.36 -8.83
C GLY A 119 -15.13 -10.51 -7.46
N SER A 120 -14.51 -9.88 -6.47
CA SER A 120 -14.94 -9.90 -5.07
C SER A 120 -14.91 -11.34 -4.58
N ILE A 121 -15.98 -11.86 -4.00
CA ILE A 121 -15.93 -13.17 -3.35
C ILE A 121 -16.31 -14.30 -4.32
N ASN A 122 -17.08 -14.01 -5.37
CA ASN A 122 -17.53 -15.04 -6.29
C ASN A 122 -16.36 -15.71 -7.02
N VAL A 123 -15.21 -15.03 -7.13
CA VAL A 123 -14.10 -15.58 -7.88
C VAL A 123 -13.64 -16.91 -7.31
N TRP A 124 -13.82 -17.09 -6.01
CA TRP A 124 -13.40 -18.33 -5.35
C TRP A 124 -14.41 -19.45 -5.51
N ASN A 125 -15.32 -19.33 -6.47
CA ASN A 125 -16.22 -20.44 -6.77
C ASN A 125 -15.48 -21.63 -7.37
N ILE A 126 -14.21 -21.47 -7.76
CA ILE A 126 -13.39 -22.62 -8.12
C ILE A 126 -13.21 -23.53 -6.92
N CYS A 127 -13.25 -22.97 -5.71
CA CYS A 127 -13.20 -23.75 -4.48
C CYS A 127 -14.05 -23.03 -3.45
N PRO A 128 -15.36 -23.27 -3.45
CA PRO A 128 -16.26 -22.49 -2.58
C PRO A 128 -15.92 -22.62 -1.11
N LEU A 129 -15.33 -23.73 -0.68
CA LEU A 129 -15.01 -23.93 0.72
C LEU A 129 -14.05 -22.85 1.23
N PHE A 130 -13.24 -22.27 0.35
CA PHE A 130 -12.31 -21.21 0.73
C PHE A 130 -12.79 -19.83 0.29
N LYS A 131 -14.08 -19.67 0.03
CA LYS A 131 -14.60 -18.37 -0.36
C LYS A 131 -14.35 -17.32 0.71
N GLY A 132 -14.11 -17.73 1.96
CA GLY A 132 -13.74 -16.79 3.00
C GLY A 132 -12.51 -15.98 2.66
N LEU A 133 -11.64 -16.50 1.79
CA LEU A 133 -10.53 -15.70 1.30
C LEU A 133 -11.01 -14.34 0.79
N GLY A 134 -12.05 -14.36 -0.05
CA GLY A 134 -12.62 -13.11 -0.51
C GLY A 134 -13.05 -12.22 0.64
N TYR A 135 -13.72 -12.80 1.64
CA TYR A 135 -14.10 -12.04 2.81
C TYR A 135 -12.88 -11.39 3.43
N ALA A 136 -11.79 -12.15 3.57
CA ALA A 136 -10.56 -11.58 4.10
C ALA A 136 -10.13 -10.37 3.30
N SER A 137 -10.16 -10.47 1.97
CA SER A 137 -9.79 -9.33 1.14
C SER A 137 -10.72 -8.16 1.43
N MET A 138 -12.02 -8.44 1.54
CA MET A 138 -12.96 -7.36 1.81
C MET A 138 -12.66 -6.68 3.13
N VAL A 139 -12.11 -7.41 4.09
CA VAL A 139 -11.66 -6.78 5.34
C VAL A 139 -10.44 -5.91 5.07
N ILE A 140 -9.45 -6.47 4.37
CA ILE A 140 -8.17 -5.78 4.20
C ILE A 140 -8.37 -4.44 3.54
N VAL A 141 -9.09 -4.43 2.41
CA VAL A 141 -9.33 -3.17 1.70
C VAL A 141 -10.03 -2.19 2.61
N PHE A 142 -10.99 -2.66 3.41
CA PHE A 142 -11.66 -1.78 4.36
C PHE A 142 -10.63 -1.09 5.25
N TYR A 143 -9.73 -1.86 5.83
CA TYR A 143 -8.72 -1.27 6.69
C TYR A 143 -7.85 -0.30 5.91
N CYS A 144 -7.54 -0.62 4.66
CA CYS A 144 -6.83 0.34 3.82
C CYS A 144 -7.60 1.65 3.75
N ASN A 145 -8.89 1.58 3.42
CA ASN A 145 -9.68 2.80 3.28
C ASN A 145 -9.74 3.55 4.60
N THR A 146 -9.47 2.85 5.71
CA THR A 146 -9.46 3.52 7.00
C THR A 146 -8.22 4.40 7.16
N TYR A 147 -7.05 3.88 6.82
CA TYR A 147 -5.83 4.62 7.11
C TYR A 147 -5.13 5.18 5.89
N TYR A 148 -5.36 4.61 4.72
CA TYR A 148 -4.75 5.13 3.49
C TYR A 148 -5.13 6.59 3.27
N ILE A 149 -6.42 6.90 3.44
CA ILE A 149 -6.89 8.28 3.30
C ILE A 149 -6.12 9.22 4.20
N MET A 150 -5.63 8.73 5.35
CA MET A 150 -4.89 9.60 6.25
C MET A 150 -3.73 10.26 5.53
N VAL A 151 -3.01 9.51 4.70
CA VAL A 151 -1.90 10.09 3.95
C VAL A 151 -2.38 11.30 3.16
N LEU A 152 -3.48 11.11 2.41
CA LEU A 152 -4.04 12.21 1.63
C LEU A 152 -4.28 13.43 2.50
N ALA A 153 -4.87 13.22 3.68
CA ALA A 153 -5.16 14.34 4.56
C ALA A 153 -3.89 15.14 4.82
N TRP A 154 -2.83 14.46 5.24
CA TRP A 154 -1.57 15.16 5.47
C TRP A 154 -1.11 15.85 4.20
N GLY A 155 -1.13 15.12 3.08
CA GLY A 155 -0.80 15.74 1.81
C GLY A 155 -1.70 16.93 1.53
N PHE A 156 -3.01 16.75 1.73
CA PHE A 156 -3.94 17.86 1.54
C PHE A 156 -3.50 19.06 2.37
N TYR A 157 -3.15 18.82 3.63
CA TYR A 157 -2.69 19.90 4.49
C TYR A 157 -1.53 20.64 3.84
N TYR A 158 -0.52 19.89 3.39
CA TYR A 158 0.63 20.51 2.76
C TYR A 158 0.19 21.34 1.56
N LEU A 159 -0.72 20.79 0.74
CA LEU A 159 -1.19 21.53 -0.42
C LEU A 159 -1.85 22.83 0.00
N VAL A 160 -2.67 22.80 1.06
CA VAL A 160 -3.31 24.02 1.52
C VAL A 160 -2.28 24.99 2.06
N LYS A 161 -1.20 24.48 2.64
CA LYS A 161 -0.12 25.35 3.08
C LYS A 161 0.87 25.68 1.98
N SER A 162 0.69 25.11 0.78
CA SER A 162 1.64 25.34 -0.29
C SER A 162 1.49 26.75 -0.87
N PHE A 163 0.25 27.22 -1.00
CA PHE A 163 0.00 28.52 -1.63
C PHE A 163 0.40 29.67 -0.72
N THR A 164 1.69 29.88 -0.55
CA THR A 164 2.20 30.99 0.25
C THR A 164 3.33 31.67 -0.50
N THR A 165 3.61 32.92 -0.10
CA THR A 165 4.74 33.63 -0.67
C THR A 165 6.05 32.92 -0.36
N THR A 166 6.19 32.43 0.86
CA THR A 166 7.31 31.58 1.24
C THR A 166 6.76 30.30 1.88
N LEU A 167 7.40 29.18 1.58
CA LEU A 167 6.88 27.90 2.03
C LEU A 167 6.96 27.81 3.56
N PRO A 168 5.97 27.18 4.19
CA PRO A 168 6.02 27.05 5.66
C PRO A 168 7.21 26.26 6.16
N TRP A 169 7.62 25.22 5.45
CA TRP A 169 8.74 24.39 5.90
C TRP A 169 10.07 24.86 5.30
N ALA A 170 10.33 26.16 5.41
CA ALA A 170 11.61 26.70 5.00
C ALA A 170 12.12 27.80 5.92
N THR A 171 11.43 28.07 7.02
CA THR A 171 11.77 29.17 7.92
C THR A 171 11.68 28.69 9.36
N CYS A 172 12.63 29.14 10.18
CA CYS A 172 12.63 28.84 11.61
C CYS A 172 12.12 30.03 12.43
N GLY A 173 11.17 30.79 11.88
CA GLY A 173 10.61 31.92 12.59
C GLY A 173 9.12 31.81 12.78
N HIS A 174 8.62 30.58 12.94
CA HIS A 174 7.21 30.34 13.15
C HIS A 174 6.96 30.04 14.63
N THR A 175 5.72 29.66 14.95
CA THR A 175 5.33 29.39 16.33
C THR A 175 5.51 27.93 16.72
N TRP A 176 5.30 27.00 15.78
CA TRP A 176 5.42 25.59 16.09
C TRP A 176 6.86 25.14 16.27
N ASN A 177 7.82 25.95 15.85
CA ASN A 177 9.22 25.54 15.86
C ASN A 177 9.76 25.45 17.27
N THR A 178 10.86 24.73 17.41
CA THR A 178 11.58 24.55 18.65
C THR A 178 12.85 25.40 18.64
N PRO A 179 13.46 25.64 19.81
CA PRO A 179 14.71 26.42 19.83
C PRO A 179 15.85 25.78 19.04
N ASP A 180 15.76 24.48 18.74
CA ASP A 180 16.79 23.80 17.96
C ASP A 180 16.69 24.10 16.47
N CYS A 181 15.61 24.75 16.02
CA CYS A 181 15.45 25.02 14.59
C CYS A 181 16.55 25.92 14.08
N VAL A 182 17.24 25.47 13.03
CA VAL A 182 18.27 26.26 12.37
C VAL A 182 18.03 26.19 10.87
N GLU A 183 17.88 27.34 10.23
CA GLU A 183 17.54 27.38 8.81
C GLU A 183 18.70 26.88 7.96
N ILE A 184 19.90 27.41 8.18
CA ILE A 184 21.07 27.09 7.38
C ILE A 184 22.08 26.37 8.28
N PHE A 185 22.53 25.20 7.82
CA PHE A 185 23.38 24.35 8.63
C PHE A 185 24.84 24.73 8.46
N ARG A 186 25.61 24.56 9.53
CA ARG A 186 27.03 24.91 9.54
C ARG A 186 27.87 23.76 10.07
N HIS A 187 29.16 23.99 10.29
CA HIS A 187 30.04 22.98 10.84
C HIS A 187 29.99 22.98 12.37
N GLN A 202 25.21 18.78 21.25
CA GLN A 202 24.59 20.04 20.82
C GLN A 202 24.38 20.07 19.32
N LEU A 203 25.37 19.59 18.57
CA LEU A 203 25.27 19.58 17.12
C LEU A 203 24.36 18.47 16.61
N ALA A 204 23.88 17.59 17.48
CA ALA A 204 22.91 16.57 17.09
C ALA A 204 21.48 16.95 17.44
N ASP A 205 21.27 17.81 18.44
CA ASP A 205 19.93 18.20 18.84
C ASP A 205 19.26 19.10 17.81
N ARG A 206 20.03 19.76 16.95
CA ARG A 206 19.46 20.66 15.97
C ARG A 206 18.64 19.90 14.94
N ARG A 207 17.49 20.46 14.59
CA ARG A 207 16.55 19.81 13.68
C ARG A 207 16.24 20.76 12.52
N SER A 208 16.17 20.19 11.32
CA SER A 208 15.85 20.98 10.14
C SER A 208 14.40 21.44 10.18
N PRO A 209 14.09 22.59 9.57
CA PRO A 209 12.72 23.11 9.64
C PRO A 209 11.68 22.19 9.03
N VAL A 210 12.08 21.33 8.09
CA VAL A 210 11.12 20.37 7.53
C VAL A 210 10.65 19.39 8.60
N ILE A 211 11.59 18.89 9.41
CA ILE A 211 11.23 17.99 10.49
C ILE A 211 10.38 18.72 11.53
N GLU A 212 10.72 19.99 11.80
CA GLU A 212 9.92 20.77 12.75
C GLU A 212 8.49 20.92 12.26
N PHE A 213 8.29 21.23 10.98
CA PHE A 213 6.94 21.35 10.45
C PHE A 213 6.21 20.02 10.50
N TRP A 214 6.91 18.92 10.21
CA TRP A 214 6.25 17.62 10.16
C TRP A 214 5.85 17.14 11.55
N GLU A 215 6.70 17.36 12.55
CA GLU A 215 6.49 16.82 13.89
C GLU A 215 6.05 17.87 14.91
N ASN A 216 5.71 19.07 14.47
CA ASN A 216 5.22 20.11 15.37
C ASN A 216 3.96 20.80 14.90
N LYS A 217 3.65 20.77 13.60
CA LYS A 217 2.43 21.36 13.08
C LYS A 217 1.50 20.34 12.45
N VAL A 218 2.00 19.51 11.53
CA VAL A 218 1.13 18.55 10.88
C VAL A 218 0.73 17.44 11.85
N LEU A 219 1.68 16.93 12.62
CA LEU A 219 1.42 15.83 13.54
C LEU A 219 1.21 16.27 14.98
N ARG A 220 1.99 17.24 15.45
CA ARG A 220 2.03 17.59 16.87
C ARG A 220 2.26 16.35 17.72
N LEU A 221 3.31 15.62 17.38
CA LEU A 221 3.56 14.31 17.97
C LEU A 221 3.70 14.40 19.48
N SER A 222 3.06 13.48 20.18
CA SER A 222 3.08 13.41 21.63
C SER A 222 4.17 12.44 22.09
N GLY A 223 4.18 12.16 23.39
CA GLY A 223 5.21 11.27 23.92
C GLY A 223 5.10 9.85 23.38
N GLY A 224 3.89 9.32 23.33
CA GLY A 224 3.72 7.96 22.87
C GLY A 224 2.27 7.65 22.59
N LEU A 225 2.03 6.38 22.25
CA LEU A 225 0.67 5.90 22.03
C LEU A 225 -0.16 5.96 23.30
N GLU A 226 0.48 5.95 24.46
CA GLU A 226 -0.23 6.13 25.72
C GLU A 226 -0.91 7.49 25.81
N VAL A 227 -0.34 8.51 25.16
CA VAL A 227 -0.88 9.86 25.24
C VAL A 227 -1.48 10.26 23.90
N PRO A 228 -2.79 10.12 23.70
CA PRO A 228 -3.40 10.60 22.46
C PRO A 228 -3.34 12.12 22.37
N GLY A 229 -3.74 12.80 23.43
CA GLY A 229 -3.64 14.24 23.47
C GLY A 229 -4.92 14.94 23.03
N ALA A 230 -4.79 16.09 22.38
CA ALA A 230 -5.92 16.88 21.94
C ALA A 230 -6.06 16.76 20.42
N LEU A 231 -7.31 16.81 19.96
CA LEU A 231 -7.59 16.66 18.54
C LEU A 231 -6.97 17.81 17.74
N ASN A 232 -6.36 17.47 16.61
CA ASN A 232 -5.72 18.45 15.74
C ASN A 232 -6.75 18.92 14.72
N TRP A 233 -7.27 20.13 14.90
CA TRP A 233 -8.37 20.60 14.06
C TRP A 233 -7.91 20.95 12.65
N GLU A 234 -6.67 21.45 12.50
CA GLU A 234 -6.19 21.79 11.17
C GLU A 234 -6.14 20.58 10.27
N VAL A 235 -5.65 19.44 10.77
CA VAL A 235 -5.64 18.22 10.00
C VAL A 235 -7.02 17.57 9.98
N THR A 236 -7.82 17.79 11.02
CA THR A 236 -9.16 17.21 11.06
C THR A 236 -10.03 17.77 9.94
N LEU A 237 -9.97 19.08 9.71
CA LEU A 237 -10.77 19.67 8.65
C LEU A 237 -10.31 19.19 7.28
N CYS A 238 -9.00 19.03 7.09
CA CYS A 238 -8.50 18.50 5.83
C CYS A 238 -8.95 17.06 5.61
N LEU A 239 -8.93 16.26 6.67
CA LEU A 239 -9.43 14.88 6.57
C LEU A 239 -10.91 14.85 6.24
N LEU A 240 -11.70 15.71 6.88
CA LEU A 240 -13.12 15.78 6.57
C LEU A 240 -13.35 16.22 5.13
N ALA A 241 -12.55 17.18 4.66
CA ALA A 241 -12.68 17.61 3.27
C ALA A 241 -12.34 16.47 2.31
N CYS A 242 -11.30 15.70 2.63
CA CYS A 242 -10.96 14.55 1.79
C CYS A 242 -12.09 13.53 1.77
N TRP A 243 -12.70 13.27 2.93
CA TRP A 243 -13.78 12.29 2.98
C TRP A 243 -15.03 12.79 2.26
N VAL A 244 -15.33 14.09 2.37
CA VAL A 244 -16.48 14.63 1.66
C VAL A 244 -16.24 14.59 0.15
N LEU A 245 -15.03 14.92 -0.29
CA LEU A 245 -14.71 14.84 -1.71
C LEU A 245 -14.81 13.41 -2.20
N VAL A 246 -14.31 12.46 -1.41
CA VAL A 246 -14.40 11.05 -1.78
C VAL A 246 -15.86 10.62 -1.87
N TYR A 247 -16.68 11.03 -0.92
CA TYR A 247 -18.10 10.68 -0.97
C TYR A 247 -18.77 11.28 -2.20
N PHE A 248 -18.46 12.54 -2.50
CA PHE A 248 -19.11 13.21 -3.63
C PHE A 248 -18.75 12.54 -4.95
N CYS A 249 -17.47 12.16 -5.11
CA CYS A 249 -17.09 11.51 -6.36
C CYS A 249 -17.52 10.06 -6.43
N VAL A 250 -17.56 9.35 -5.30
CA VAL A 250 -18.05 7.98 -5.27
C VAL A 250 -19.56 7.94 -5.50
N TRP A 251 -20.30 8.88 -4.88
CA TRP A 251 -21.73 8.94 -5.12
C TRP A 251 -22.03 9.32 -6.56
N LYS A 252 -21.29 10.29 -7.11
CA LYS A 252 -21.48 10.67 -8.50
C LYS A 252 -21.07 9.56 -9.46
N GLY A 253 -20.19 8.67 -9.02
CA GLY A 253 -19.69 7.63 -9.90
C GLY A 253 -18.88 8.22 -11.04
N VAL A 254 -17.99 9.17 -10.70
CA VAL A 254 -17.24 9.89 -11.72
C VAL A 254 -16.43 8.91 -12.56
N LYS A 255 -16.41 9.16 -13.87
CA LYS A 255 -15.61 8.36 -14.80
C LYS A 255 -14.15 8.79 -14.74
N SER A 256 -13.58 8.68 -13.55
CA SER A 256 -12.19 9.05 -13.34
C SER A 256 -11.29 8.20 -14.21
N THR A 257 -10.34 8.84 -14.88
CA THR A 257 -9.46 8.19 -15.85
C THR A 257 -10.28 7.47 -16.92
N GLY A 258 -11.13 8.24 -17.59
CA GLY A 258 -11.88 7.74 -18.73
C GLY A 258 -11.14 7.90 -20.04
N LYS A 259 -10.79 9.16 -20.36
CA LYS A 259 -10.09 9.46 -21.60
C LYS A 259 -8.87 10.33 -21.29
N ILE A 260 -8.93 11.07 -20.19
CA ILE A 260 -7.87 11.99 -19.80
C ILE A 260 -6.80 11.23 -19.02
N VAL A 261 -6.90 9.90 -19.05
CA VAL A 261 -6.00 8.98 -18.35
C VAL A 261 -4.56 9.47 -18.49
N TYR A 262 -4.19 9.88 -19.70
CA TYR A 262 -2.85 10.36 -20.02
C TYR A 262 -2.31 11.24 -18.89
N PHE A 263 -3.01 12.34 -18.59
CA PHE A 263 -2.56 13.24 -17.55
C PHE A 263 -2.42 12.51 -16.23
N THR A 264 -3.50 11.86 -15.78
CA THR A 264 -3.45 11.16 -14.50
C THR A 264 -2.47 10.01 -14.53
N ALA A 265 -2.01 9.60 -15.71
CA ALA A 265 -1.04 8.52 -15.82
C ALA A 265 0.37 9.02 -16.11
N THR A 266 0.52 10.30 -16.50
CA THR A 266 1.84 10.85 -16.80
C THR A 266 2.23 12.02 -15.92
N PHE A 267 1.27 12.64 -15.23
CA PHE A 267 1.62 13.72 -14.31
C PHE A 267 2.60 13.29 -13.22
N PRO A 268 2.46 12.13 -12.55
CA PRO A 268 3.45 11.75 -11.54
C PRO A 268 4.86 11.68 -12.10
N TYR A 269 5.05 10.81 -13.08
CA TYR A 269 6.39 10.55 -13.61
C TYR A 269 7.08 11.84 -14.01
N VAL A 270 6.40 12.68 -14.80
CA VAL A 270 6.95 13.97 -15.19
C VAL A 270 7.48 14.70 -13.97
N VAL A 271 6.60 14.94 -12.98
CA VAL A 271 7.03 15.63 -11.77
C VAL A 271 8.21 14.90 -11.15
N LEU A 272 8.08 13.58 -10.99
CA LEU A 272 9.17 12.82 -10.39
C LEU A 272 10.44 12.98 -11.20
N VAL A 273 10.33 12.93 -12.53
CA VAL A 273 11.50 13.11 -13.37
C VAL A 273 12.17 14.44 -13.04
N VAL A 274 11.36 15.51 -12.98
CA VAL A 274 11.92 16.82 -12.64
C VAL A 274 12.63 16.73 -11.29
N LEU A 275 11.95 16.17 -10.29
CA LEU A 275 12.58 16.02 -8.98
C LEU A 275 13.90 15.27 -9.10
N LEU A 276 13.89 14.17 -9.85
CA LEU A 276 15.12 13.39 -9.98
C LEU A 276 16.25 14.24 -10.50
N VAL A 277 15.97 15.06 -11.53
CA VAL A 277 17.01 15.91 -12.08
C VAL A 277 17.57 16.81 -10.99
N ARG A 278 16.68 17.49 -10.26
CA ARG A 278 17.14 18.31 -9.16
C ARG A 278 17.85 17.45 -8.13
N GLY A 279 17.30 16.28 -7.82
CA GLY A 279 17.92 15.40 -6.85
C GLY A 279 19.34 15.01 -7.25
N VAL A 280 19.63 15.02 -8.56
CA VAL A 280 20.96 14.63 -8.99
C VAL A 280 21.92 15.82 -8.89
N LEU A 281 21.42 17.04 -9.03
CA LEU A 281 22.28 18.22 -9.04
C LEU A 281 22.55 18.77 -7.64
N LEU A 282 22.44 17.93 -6.61
CA LEU A 282 22.73 18.38 -5.26
C LEU A 282 24.02 17.74 -4.76
N PRO A 283 24.89 18.52 -4.11
CA PRO A 283 26.09 17.93 -3.51
C PRO A 283 25.71 16.93 -2.44
N GLY A 284 26.44 15.81 -2.41
CA GLY A 284 26.15 14.76 -1.47
C GLY A 284 25.02 13.83 -1.85
N ALA A 285 24.44 13.98 -3.03
CA ALA A 285 23.40 13.05 -3.47
C ALA A 285 23.97 11.71 -3.91
N LEU A 286 25.22 11.70 -4.38
CA LEU A 286 25.84 10.44 -4.77
C LEU A 286 25.98 9.50 -3.59
N ASP A 287 26.31 10.04 -2.41
CA ASP A 287 26.38 9.21 -1.21
C ASP A 287 25.01 8.63 -0.89
N GLY A 288 23.96 9.41 -1.04
CA GLY A 288 22.61 8.89 -0.82
C GLY A 288 22.26 7.78 -1.79
N ILE A 289 22.60 7.95 -3.06
CA ILE A 289 22.32 6.91 -4.04
C ILE A 289 23.11 5.64 -3.72
N ILE A 290 24.37 5.79 -3.33
CA ILE A 290 25.19 4.62 -3.00
C ILE A 290 24.59 3.88 -1.81
N TYR A 291 24.18 4.62 -0.78
CA TYR A 291 23.51 4.01 0.37
C TYR A 291 22.21 3.34 -0.06
N TYR A 292 21.53 3.90 -1.05
CA TYR A 292 20.30 3.30 -1.55
C TYR A 292 20.56 1.97 -2.22
N LEU A 293 21.66 1.88 -2.98
CA LEU A 293 21.91 0.72 -3.83
C LEU A 293 22.82 -0.31 -3.19
N LYS A 294 24.01 0.09 -2.75
CA LYS A 294 24.96 -0.87 -2.21
C LYS A 294 24.45 -1.43 -0.89
N PRO A 295 24.34 -2.75 -0.75
CA PRO A 295 23.70 -3.34 0.41
C PRO A 295 24.68 -3.66 1.54
N ASP A 296 24.13 -3.71 2.75
CA ASP A 296 24.83 -4.18 3.93
C ASP A 296 24.39 -5.62 4.20
N TRP A 297 25.31 -6.56 3.99
CA TRP A 297 24.91 -7.97 3.99
C TRP A 297 24.61 -8.51 5.37
N SER A 298 25.09 -7.88 6.43
CA SER A 298 24.79 -8.35 7.78
C SER A 298 23.33 -8.18 8.14
N LYS A 299 22.61 -7.33 7.42
CA LYS A 299 21.19 -7.10 7.68
C LYS A 299 20.28 -8.06 6.96
N LEU A 300 20.83 -8.95 6.13
CA LEU A 300 19.99 -9.94 5.46
C LEU A 300 19.52 -11.02 6.42
N GLY A 301 20.26 -11.26 7.51
CA GLY A 301 19.85 -12.25 8.48
C GLY A 301 18.66 -11.83 9.33
N SER A 302 18.37 -10.55 9.39
CA SER A 302 17.21 -10.06 10.13
C SER A 302 15.94 -10.32 9.33
N PRO A 303 14.95 -11.01 9.89
CA PRO A 303 13.72 -11.29 9.13
C PRO A 303 12.85 -10.07 8.92
N GLN A 304 13.15 -8.94 9.57
CA GLN A 304 12.35 -7.74 9.39
C GLN A 304 12.41 -7.25 7.95
N VAL A 305 13.59 -7.31 7.33
CA VAL A 305 13.71 -6.88 5.94
C VAL A 305 12.88 -7.79 5.04
N TRP A 306 12.78 -9.08 5.39
CA TRP A 306 11.99 -9.99 4.55
C TRP A 306 10.49 -9.72 4.70
N ILE A 307 10.02 -9.47 5.93
CA ILE A 307 8.64 -9.01 6.09
C ILE A 307 8.40 -7.76 5.26
N ASP A 308 9.28 -6.77 5.40
CA ASP A 308 9.03 -5.49 4.75
C ASP A 308 9.03 -5.64 3.23
N ALA A 309 9.98 -6.39 2.67
CA ALA A 309 10.02 -6.57 1.22
C ALA A 309 8.82 -7.36 0.71
N GLY A 310 8.54 -8.51 1.32
CA GLY A 310 7.43 -9.32 0.83
C GLY A 310 6.09 -8.61 0.95
N THR A 311 5.84 -7.97 2.09
CA THR A 311 4.58 -7.27 2.27
C THR A 311 4.51 -5.99 1.46
N GLN A 312 5.64 -5.33 1.20
CA GLN A 312 5.62 -4.17 0.32
C GLN A 312 5.27 -4.58 -1.10
N ILE A 313 5.80 -5.71 -1.56
CA ILE A 313 5.40 -6.22 -2.87
C ILE A 313 3.92 -6.56 -2.89
N PHE A 314 3.45 -7.25 -1.85
CA PHE A 314 2.05 -7.67 -1.83
C PHE A 314 1.11 -6.47 -1.63
N PHE A 315 1.63 -5.34 -1.16
CA PHE A 315 0.84 -4.14 -0.93
C PHE A 315 0.79 -3.26 -2.17
N SER A 316 1.95 -2.95 -2.76
CA SER A 316 1.96 -2.13 -3.96
C SER A 316 1.32 -2.84 -5.15
N TYR A 317 1.35 -4.18 -5.16
CA TYR A 317 0.73 -4.96 -6.21
C TYR A 317 -0.75 -5.20 -5.97
N ALA A 318 -1.28 -4.74 -4.84
CA ALA A 318 -2.68 -5.00 -4.47
C ALA A 318 -2.98 -6.49 -4.43
N ILE A 319 -2.04 -7.27 -3.93
CA ILE A 319 -2.18 -8.73 -3.85
C ILE A 319 -2.88 -9.08 -2.56
N GLY A 320 -3.99 -9.81 -2.68
CA GLY A 320 -4.79 -10.16 -1.54
C GLY A 320 -5.88 -9.16 -1.17
N LEU A 321 -5.91 -8.01 -1.84
CA LEU A 321 -6.94 -7.00 -1.60
C LEU A 321 -8.11 -7.13 -2.55
N GLY A 322 -8.10 -8.12 -3.45
CA GLY A 322 -9.20 -8.30 -4.38
C GLY A 322 -9.22 -7.33 -5.54
N ALA A 323 -8.14 -6.57 -5.75
CA ALA A 323 -8.11 -5.63 -6.86
C ALA A 323 -7.71 -6.32 -8.16
N LEU A 324 -6.66 -7.15 -8.11
CA LEU A 324 -6.21 -7.85 -9.31
C LEU A 324 -7.26 -8.82 -9.82
N THR A 325 -8.03 -9.44 -8.92
CA THR A 325 -9.11 -10.31 -9.34
C THR A 325 -10.15 -9.55 -10.15
N ALA A 326 -10.58 -8.39 -9.67
CA ALA A 326 -11.53 -7.58 -10.42
C ALA A 326 -10.94 -7.12 -11.75
N LEU A 327 -9.67 -6.70 -11.73
CA LEU A 327 -9.03 -6.27 -12.97
C LEU A 327 -9.03 -7.39 -13.99
N GLY A 328 -8.73 -8.61 -13.56
CA GLY A 328 -8.82 -9.74 -14.46
C GLY A 328 -10.23 -9.98 -14.96
N SER A 329 -11.22 -9.85 -14.08
CA SER A 329 -12.60 -10.07 -14.48
C SER A 329 -13.07 -9.04 -15.51
N TYR A 330 -12.45 -7.86 -15.52
CA TYR A 330 -12.85 -6.84 -16.48
C TYR A 330 -12.36 -7.13 -17.89
N ASN A 331 -11.23 -7.85 -18.02
CA ASN A 331 -10.64 -8.09 -19.32
C ASN A 331 -11.48 -9.09 -20.13
N ARG A 332 -11.14 -9.21 -21.41
CA ARG A 332 -11.74 -10.23 -22.25
C ARG A 332 -11.27 -11.61 -21.78
N PHE A 333 -11.97 -12.64 -22.25
CA PHE A 333 -11.59 -14.01 -21.87
C PHE A 333 -10.23 -14.38 -22.43
N ASN A 334 -10.02 -14.17 -23.73
CA ASN A 334 -8.81 -14.60 -24.41
C ASN A 334 -7.69 -13.56 -24.33
N ASN A 335 -7.81 -12.59 -23.44
CA ASN A 335 -6.75 -11.58 -23.30
C ASN A 335 -5.51 -12.19 -22.69
N ASN A 336 -4.34 -11.73 -23.13
CA ASN A 336 -3.06 -12.26 -22.70
C ASN A 336 -2.78 -11.76 -21.29
N CYS A 337 -3.32 -12.46 -20.30
CA CYS A 337 -3.15 -12.05 -18.91
C CYS A 337 -1.72 -12.21 -18.43
N TYR A 338 -0.94 -13.11 -19.04
CA TYR A 338 0.44 -13.30 -18.64
C TYR A 338 1.27 -12.05 -18.95
N LYS A 339 1.14 -11.54 -20.17
CA LYS A 339 1.83 -10.32 -20.55
C LYS A 339 1.37 -9.14 -19.71
N ASP A 340 0.05 -9.05 -19.47
CA ASP A 340 -0.46 -7.95 -18.65
C ASP A 340 0.12 -8.00 -17.25
N ALA A 341 0.19 -9.20 -16.66
CA ALA A 341 0.73 -9.32 -15.31
C ALA A 341 2.20 -8.94 -15.27
N ILE A 342 2.99 -9.43 -16.23
CA ILE A 342 4.41 -9.09 -16.23
C ILE A 342 4.61 -7.59 -16.40
N ILE A 343 3.88 -6.99 -17.34
CA ILE A 343 4.04 -5.56 -17.60
C ILE A 343 3.63 -4.75 -16.38
N LEU A 344 2.53 -5.11 -15.74
CA LEU A 344 2.08 -4.37 -14.57
C LEU A 344 3.08 -4.48 -13.42
N ALA A 345 3.60 -5.69 -13.19
CA ALA A 345 4.58 -5.87 -12.13
C ALA A 345 5.85 -5.08 -12.40
N LEU A 346 6.33 -5.12 -13.65
CA LEU A 346 7.53 -4.37 -13.99
C LEU A 346 7.31 -2.87 -13.87
N ILE A 347 6.15 -2.37 -14.29
CA ILE A 347 5.85 -0.95 -14.16
C ILE A 347 5.83 -0.55 -12.70
N ASN A 348 5.19 -1.36 -11.85
CA ASN A 348 5.07 -1.03 -10.44
C ASN A 348 6.43 -1.02 -9.76
N SER A 349 7.25 -2.05 -10.03
CA SER A 349 8.58 -2.10 -9.45
C SER A 349 9.46 -0.96 -9.95
N GLY A 350 9.35 -0.61 -11.23
CA GLY A 350 10.13 0.50 -11.76
C GLY A 350 9.72 1.83 -11.17
N THR A 351 8.42 2.04 -10.96
CA THR A 351 7.98 3.26 -10.30
C THR A 351 8.50 3.33 -8.87
N SER A 352 8.47 2.20 -8.15
CA SER A 352 9.02 2.18 -6.80
C SER A 352 10.52 2.50 -6.80
N PHE A 353 11.27 1.91 -7.74
CA PHE A 353 12.70 2.19 -7.84
C PHE A 353 12.96 3.65 -8.16
N PHE A 354 12.17 4.24 -9.06
CA PHE A 354 12.34 5.63 -9.43
C PHE A 354 12.06 6.55 -8.25
N ALA A 355 10.98 6.28 -7.52
CA ALA A 355 10.73 7.03 -6.30
C ALA A 355 11.85 6.84 -5.29
N GLY A 356 12.46 5.67 -5.27
CA GLY A 356 13.61 5.46 -4.40
C GLY A 356 14.77 6.37 -4.75
N PHE A 357 15.12 6.45 -6.03
CA PHE A 357 16.13 7.43 -6.44
C PHE A 357 15.75 8.83 -6.00
N VAL A 358 14.51 9.24 -6.26
CA VAL A 358 14.12 10.62 -5.98
C VAL A 358 14.25 10.91 -4.50
N VAL A 359 13.80 9.99 -3.64
CA VAL A 359 13.86 10.23 -2.20
C VAL A 359 15.31 10.19 -1.71
N PHE A 360 16.08 9.20 -2.16
CA PHE A 360 17.39 8.98 -1.55
C PHE A 360 18.42 9.99 -2.02
N SER A 361 18.28 10.58 -3.22
CA SER A 361 19.16 11.68 -3.57
C SER A 361 18.97 12.85 -2.62
N ILE A 362 17.71 13.17 -2.30
CA ILE A 362 17.43 14.25 -1.36
C ILE A 362 17.95 13.88 0.03
N LEU A 363 17.80 12.61 0.41
CA LEU A 363 18.29 12.18 1.72
C LEU A 363 19.80 12.31 1.81
N GLY A 364 20.51 11.95 0.74
CA GLY A 364 21.96 12.13 0.74
C GLY A 364 22.35 13.60 0.80
N PHE A 365 21.62 14.46 0.09
CA PHE A 365 21.88 15.89 0.19
C PHE A 365 21.67 16.38 1.62
N MET A 366 20.59 15.93 2.27
CA MET A 366 20.31 16.32 3.64
C MET A 366 21.40 15.85 4.59
N ALA A 367 21.86 14.61 4.42
CA ALA A 367 22.90 14.07 5.27
C ALA A 367 24.21 14.84 5.10
N ALA A 368 24.54 15.20 3.85
CA ALA A 368 25.74 16.00 3.63
C ALA A 368 25.59 17.38 4.25
N GLU A 369 24.40 17.98 4.16
CA GLU A 369 24.18 19.32 4.70
C GLU A 369 24.29 19.33 6.22
N GLN A 370 23.57 18.43 6.90
CA GLN A 370 23.56 18.43 8.36
C GLN A 370 24.82 17.82 8.95
N GLY A 371 25.56 17.02 8.19
CA GLY A 371 26.74 16.38 8.69
C GLY A 371 26.50 15.10 9.45
N VAL A 372 25.26 14.61 9.51
CA VAL A 372 24.94 13.39 10.22
C VAL A 372 24.85 12.25 9.23
N HIS A 373 24.82 11.02 9.75
CA HIS A 373 24.76 9.85 8.90
C HIS A 373 23.42 9.82 8.16
N ILE A 374 23.41 9.13 7.01
CA ILE A 374 22.21 9.08 6.18
C ILE A 374 21.09 8.36 6.91
N SER A 375 21.42 7.37 7.72
CA SER A 375 20.40 6.59 8.42
C SER A 375 19.70 7.40 9.51
N LYS A 376 20.31 8.48 9.98
CA LYS A 376 19.76 9.27 11.09
C LYS A 376 19.33 10.67 10.67
N VAL A 377 19.34 10.98 9.38
CA VAL A 377 19.07 12.35 8.95
C VAL A 377 17.57 12.63 8.92
N ALA A 378 16.78 11.67 8.47
CA ALA A 378 15.34 11.85 8.33
C ALA A 378 14.59 10.84 9.20
N GLU A 379 13.27 10.98 9.21
CA GLU A 379 12.43 10.18 10.07
C GLU A 379 12.19 8.80 9.46
N SER A 380 12.51 7.76 10.22
CA SER A 380 12.19 6.39 9.80
C SER A 380 10.72 6.07 9.95
N GLY A 381 9.89 7.04 10.33
CA GLY A 381 8.45 6.87 10.38
C GLY A 381 7.86 7.22 9.03
N PRO A 382 6.53 7.08 8.91
CA PRO A 382 5.90 7.23 7.59
C PRO A 382 5.97 8.63 7.01
N GLY A 383 6.73 9.52 7.64
CA GLY A 383 6.84 10.88 7.20
C GLY A 383 7.88 11.17 6.15
N LEU A 384 8.53 10.14 5.59
CA LEU A 384 9.57 10.39 4.59
C LEU A 384 9.01 11.09 3.35
N ALA A 385 7.87 10.62 2.85
CA ALA A 385 7.23 11.32 1.73
C ALA A 385 6.88 12.75 2.10
N PHE A 386 6.74 13.04 3.40
CA PHE A 386 6.48 14.38 3.89
C PHE A 386 7.71 15.03 4.51
N ILE A 387 8.88 14.40 4.38
CA ILE A 387 10.14 14.98 4.80
C ILE A 387 11.15 15.03 3.65
N ALA A 388 11.26 13.92 2.90
CA ALA A 388 12.18 13.90 1.76
C ALA A 388 11.64 14.68 0.59
N TYR A 389 10.34 14.57 0.31
CA TYR A 389 9.78 15.23 -0.87
C TYR A 389 9.63 16.74 -0.67
N PRO A 390 8.95 17.23 0.38
CA PRO A 390 8.84 18.69 0.54
C PRO A 390 10.18 19.39 0.64
N ARG A 391 11.17 18.77 1.27
CA ARG A 391 12.50 19.38 1.33
C ARG A 391 13.04 19.64 -0.05
N ALA A 392 12.90 18.68 -0.96
CA ALA A 392 13.33 18.87 -2.34
C ALA A 392 12.69 20.10 -2.95
N VAL A 393 11.42 20.35 -2.60
CA VAL A 393 10.71 21.49 -3.18
C VAL A 393 11.34 22.80 -2.77
N THR A 394 11.99 22.85 -1.61
CA THR A 394 12.66 24.07 -1.19
C THR A 394 13.90 24.37 -2.02
N LEU A 395 14.31 23.46 -2.90
CA LEU A 395 15.46 23.66 -3.75
C LEU A 395 15.10 24.10 -5.17
N MET A 396 13.85 23.95 -5.58
CA MET A 396 13.45 24.26 -6.94
C MET A 396 13.45 25.78 -7.15
N PRO A 397 13.55 26.24 -8.41
CA PRO A 397 13.61 27.69 -8.66
C PRO A 397 12.41 28.46 -8.13
N VAL A 398 11.21 27.90 -8.21
CA VAL A 398 10.00 28.54 -7.69
C VAL A 398 9.36 27.53 -6.74
N ALA A 399 9.67 27.65 -5.46
CA ALA A 399 9.26 26.63 -4.49
C ALA A 399 7.76 26.49 -4.35
N PRO A 400 6.96 27.55 -4.15
CA PRO A 400 5.52 27.34 -3.95
C PRO A 400 4.83 26.68 -5.12
N LEU A 401 5.23 27.02 -6.35
CA LEU A 401 4.62 26.42 -7.53
C LEU A 401 4.86 24.92 -7.58
N TRP A 402 6.10 24.51 -7.34
CA TRP A 402 6.42 23.08 -7.39
C TRP A 402 5.81 22.34 -6.20
N ALA A 403 5.69 23.00 -5.05
CA ALA A 403 5.01 22.38 -3.92
C ALA A 403 3.55 22.10 -4.25
N ALA A 404 2.87 23.10 -4.82
CA ALA A 404 1.48 22.91 -5.22
C ALA A 404 1.36 21.81 -6.26
N LEU A 405 2.26 21.79 -7.25
CA LEU A 405 2.20 20.77 -8.30
C LEU A 405 2.40 19.37 -7.72
N PHE A 406 3.44 19.20 -6.90
CA PHE A 406 3.76 17.88 -6.37
C PHE A 406 2.65 17.37 -5.48
N PHE A 407 2.15 18.22 -4.56
CA PHE A 407 1.11 17.74 -3.67
C PHE A 407 -0.23 17.60 -4.36
N PHE A 408 -0.46 18.34 -5.45
CA PHE A 408 -1.63 18.09 -6.28
C PHE A 408 -1.54 16.71 -6.94
N MET A 409 -0.36 16.34 -7.44
CA MET A 409 -0.18 15.00 -8.00
C MET A 409 -0.39 13.94 -6.93
N LEU A 410 0.15 14.15 -5.74
CA LEU A 410 -0.03 13.21 -4.64
C LEU A 410 -1.51 13.06 -4.30
N LEU A 411 -2.24 14.18 -4.26
CA LEU A 411 -3.66 14.13 -3.97
C LEU A 411 -4.42 13.38 -5.05
N LEU A 412 -4.06 13.60 -6.32
CA LEU A 412 -4.75 12.90 -7.40
C LEU A 412 -4.52 11.40 -7.33
N LEU A 413 -3.29 10.99 -7.06
CA LEU A 413 -3.00 9.56 -6.92
C LEU A 413 -3.77 8.95 -5.76
N GLY A 414 -3.70 9.59 -4.60
CA GLY A 414 -4.41 9.07 -3.44
C GLY A 414 -5.91 9.02 -3.67
N LEU A 415 -6.46 10.03 -4.35
CA LEU A 415 -7.89 10.06 -4.60
C LEU A 415 -8.32 8.98 -5.57
N ASP A 416 -7.52 8.72 -6.61
CA ASP A 416 -7.87 7.64 -7.53
C ASP A 416 -7.87 6.30 -6.80
N SER A 417 -6.83 6.06 -5.99
CA SER A 417 -6.78 4.80 -5.24
C SER A 417 -7.95 4.70 -4.27
N GLN A 418 -8.26 5.79 -3.56
CA GLN A 418 -9.36 5.76 -2.60
C GLN A 418 -10.70 5.56 -3.29
N PHE A 419 -10.90 6.21 -4.45
CA PHE A 419 -12.14 6.05 -5.19
C PHE A 419 -12.33 4.60 -5.59
N VAL A 420 -11.31 3.99 -6.19
CA VAL A 420 -11.48 2.61 -6.65
C VAL A 420 -11.66 1.68 -5.46
N GLY A 421 -10.94 1.92 -4.37
CA GLY A 421 -11.07 1.06 -3.20
C GLY A 421 -12.46 1.13 -2.59
N VAL A 422 -13.00 2.34 -2.42
CA VAL A 422 -14.32 2.50 -1.84
C VAL A 422 -15.38 1.95 -2.77
N GLU A 423 -15.25 2.20 -4.07
CA GLU A 423 -16.16 1.59 -5.04
C GLU A 423 -16.20 0.08 -4.88
N GLY A 424 -15.04 -0.56 -4.88
CA GLY A 424 -15.01 -2.02 -4.78
C GLY A 424 -15.59 -2.51 -3.46
N PHE A 425 -15.20 -1.88 -2.35
CA PHE A 425 -15.66 -2.34 -1.05
C PHE A 425 -17.18 -2.20 -0.93
N ILE A 426 -17.73 -1.05 -1.31
CA ILE A 426 -19.17 -0.84 -1.20
C ILE A 426 -19.92 -1.77 -2.16
N THR A 427 -19.41 -1.94 -3.38
CA THR A 427 -20.09 -2.83 -4.32
C THR A 427 -20.14 -4.25 -3.79
N GLY A 428 -19.02 -4.76 -3.29
CA GLY A 428 -19.03 -6.11 -2.73
C GLY A 428 -19.92 -6.24 -1.51
N LEU A 429 -19.86 -5.25 -0.61
CA LEU A 429 -20.66 -5.32 0.61
C LEU A 429 -22.14 -5.30 0.28
N LEU A 430 -22.55 -4.45 -0.67
CA LEU A 430 -23.95 -4.44 -1.10
C LEU A 430 -24.32 -5.73 -1.82
N ASP A 431 -23.37 -6.35 -2.52
CA ASP A 431 -23.64 -7.63 -3.17
C ASP A 431 -23.96 -8.69 -2.12
N LEU A 432 -23.19 -8.74 -1.04
CA LEU A 432 -23.43 -9.76 -0.03
C LEU A 432 -24.72 -9.51 0.76
N LEU A 433 -25.15 -8.25 0.87
CA LEU A 433 -26.35 -7.96 1.63
C LEU A 433 -27.59 -8.52 0.93
N PRO A 434 -28.57 -8.98 1.70
CA PRO A 434 -29.78 -9.55 1.09
C PRO A 434 -30.64 -8.47 0.45
N ALA A 435 -31.55 -8.92 -0.41
CA ALA A 435 -32.50 -8.01 -1.04
C ALA A 435 -33.44 -7.36 -0.03
N SER A 436 -33.67 -8.01 1.11
CA SER A 436 -34.53 -7.41 2.14
C SER A 436 -33.88 -6.16 2.73
N TYR A 437 -32.56 -6.18 2.91
CA TYR A 437 -31.85 -5.03 3.47
C TYR A 437 -31.79 -3.84 2.51
N TYR A 438 -32.20 -4.03 1.26
CA TYR A 438 -32.08 -3.00 0.23
C TYR A 438 -32.83 -1.72 0.61
N PHE A 439 -32.08 -0.64 0.82
CA PHE A 439 -32.67 0.66 1.09
C PHE A 439 -33.07 1.34 -0.22
N ARG A 440 -33.82 2.44 -0.10
CA ARG A 440 -34.24 3.19 -1.27
C ARG A 440 -33.04 3.74 -2.02
N PHE A 441 -32.29 4.63 -1.38
CA PHE A 441 -31.00 5.09 -1.91
C PHE A 441 -29.87 4.29 -1.26
N GLN A 442 -29.86 2.99 -1.53
CA GLN A 442 -28.93 2.10 -0.84
C GLN A 442 -27.48 2.46 -1.16
N ARG A 443 -27.20 2.83 -2.41
CA ARG A 443 -25.84 3.22 -2.76
C ARG A 443 -25.43 4.49 -2.03
N GLU A 444 -26.27 5.53 -2.09
CA GLU A 444 -25.94 6.79 -1.45
C GLU A 444 -25.80 6.62 0.06
N ILE A 445 -26.78 5.97 0.69
CA ILE A 445 -26.75 5.81 2.14
C ILE A 445 -25.58 4.93 2.56
N SER A 446 -25.29 3.87 1.79
CA SER A 446 -24.18 3.00 2.13
C SER A 446 -22.84 3.71 2.03
N VAL A 447 -22.64 4.50 0.97
CA VAL A 447 -21.40 5.25 0.84
C VAL A 447 -21.29 6.27 1.97
N ALA A 448 -22.38 6.95 2.29
CA ALA A 448 -22.36 7.94 3.36
C ALA A 448 -22.02 7.28 4.69
N LEU A 449 -22.63 6.13 4.99
CA LEU A 449 -22.36 5.44 6.24
C LEU A 449 -20.93 4.97 6.31
N CYS A 450 -20.40 4.40 5.21
CA CYS A 450 -19.02 3.94 5.22
C CYS A 450 -18.05 5.10 5.42
N CYS A 451 -18.28 6.22 4.73
CA CYS A 451 -17.41 7.37 4.89
C CYS A 451 -17.48 7.94 6.30
N ALA A 452 -18.68 8.02 6.87
CA ALA A 452 -18.81 8.54 8.23
C ALA A 452 -18.14 7.63 9.24
N LEU A 453 -18.31 6.32 9.10
CA LEU A 453 -17.68 5.38 10.03
C LEU A 453 -16.16 5.43 9.90
N CYS A 454 -15.66 5.51 8.67
CA CYS A 454 -14.21 5.61 8.48
C CYS A 454 -13.67 6.92 9.04
N PHE A 455 -14.42 8.01 8.90
CA PHE A 455 -13.99 9.27 9.51
C PHE A 455 -13.97 9.18 11.03
N VAL A 456 -14.98 8.53 11.61
CA VAL A 456 -14.99 8.35 13.07
C VAL A 456 -13.78 7.56 13.51
N ILE A 457 -13.44 6.49 12.78
CA ILE A 457 -12.27 5.71 13.14
C ILE A 457 -10.99 6.53 12.99
N ASP A 458 -10.89 7.31 11.90
CA ASP A 458 -9.70 8.12 11.66
C ASP A 458 -9.56 9.26 12.66
N LEU A 459 -10.63 9.61 13.37
CA LEU A 459 -10.51 10.59 14.44
C LEU A 459 -9.44 10.19 15.45
N SER A 460 -9.09 8.90 15.52
CA SER A 460 -8.00 8.45 16.38
C SER A 460 -6.63 8.70 15.77
N MET A 461 -6.56 8.97 14.47
CA MET A 461 -5.29 9.24 13.80
C MET A 461 -4.98 10.72 13.64
N VAL A 462 -5.97 11.60 13.84
CA VAL A 462 -5.76 13.02 13.72
C VAL A 462 -5.58 13.68 15.09
N THR A 463 -5.20 12.91 16.10
CA THR A 463 -4.89 13.43 17.41
C THR A 463 -3.37 13.61 17.52
N ASP A 464 -2.91 14.14 18.65
CA ASP A 464 -1.47 14.33 18.84
C ASP A 464 -0.73 13.00 18.76
N GLY A 465 -1.20 11.99 19.48
CA GLY A 465 -0.66 10.66 19.36
C GLY A 465 -1.34 9.90 18.25
N GLY A 466 -1.32 10.47 17.06
CA GLY A 466 -2.03 9.89 15.93
C GLY A 466 -1.14 9.04 15.05
N MET A 467 0.06 9.53 14.76
CA MET A 467 0.98 8.78 13.91
C MET A 467 1.20 7.38 14.45
N TYR A 468 1.36 7.25 15.76
CA TYR A 468 1.50 5.94 16.38
C TYR A 468 0.36 5.01 15.96
N VAL A 469 -0.88 5.49 16.10
CA VAL A 469 -2.02 4.68 15.67
C VAL A 469 -1.91 4.36 14.19
N PHE A 470 -1.51 5.35 13.38
CA PHE A 470 -1.31 5.10 11.96
C PHE A 470 -0.31 3.98 11.75
N GLN A 471 0.79 3.98 12.51
CA GLN A 471 1.75 2.90 12.41
C GLN A 471 1.11 1.56 12.74
N LEU A 472 0.28 1.52 13.78
CA LEU A 472 -0.43 0.30 14.09
C LEU A 472 -1.33 -0.12 12.95
N PHE A 473 -1.93 0.83 12.24
CA PHE A 473 -2.74 0.49 11.08
C PHE A 473 -1.90 0.12 9.87
N ASP A 474 -0.63 0.52 9.84
CA ASP A 474 0.20 0.30 8.67
C ASP A 474 0.94 -1.02 8.74
N TYR A 475 1.66 -1.27 9.84
CA TYR A 475 2.48 -2.46 9.93
C TYR A 475 1.63 -3.72 10.05
N TYR A 476 0.63 -3.70 10.93
CA TYR A 476 -0.10 -4.91 11.25
C TYR A 476 -1.32 -5.12 10.36
N SER A 477 -2.03 -4.05 10.01
CA SER A 477 -3.25 -4.15 9.24
C SER A 477 -2.95 -3.90 7.76
N ALA A 478 -3.47 -4.77 6.90
CA ALA A 478 -3.27 -4.67 5.46
C ALA A 478 -1.79 -4.75 5.08
N SER A 479 -1.00 -5.41 5.90
CA SER A 479 0.43 -5.62 5.67
C SER A 479 0.91 -6.63 6.70
N GLY A 480 2.22 -6.88 6.72
CA GLY A 480 2.76 -7.80 7.70
C GLY A 480 2.30 -9.22 7.45
N THR A 481 2.02 -9.92 8.54
CA THR A 481 1.63 -11.32 8.44
C THR A 481 0.27 -11.51 7.79
N THR A 482 -0.55 -10.45 7.70
CA THR A 482 -1.85 -10.58 7.06
C THR A 482 -1.71 -10.92 5.58
N LEU A 483 -0.89 -10.15 4.87
CA LEU A 483 -0.72 -10.40 3.44
C LEU A 483 0.00 -11.72 3.19
N LEU A 484 0.95 -12.08 4.04
CA LEU A 484 1.60 -13.38 3.91
C LEU A 484 0.58 -14.50 4.07
N TRP A 485 -0.28 -14.41 5.08
CA TRP A 485 -1.32 -15.42 5.29
C TRP A 485 -2.25 -15.52 4.09
N GLN A 486 -2.72 -14.37 3.60
CA GLN A 486 -3.66 -14.37 2.49
C GLN A 486 -3.02 -14.95 1.23
N ALA A 487 -1.80 -14.51 0.91
CA ALA A 487 -1.12 -15.00 -0.29
C ALA A 487 -0.81 -16.48 -0.19
N PHE A 488 -0.36 -16.94 0.98
CA PHE A 488 -0.09 -18.36 1.17
C PHE A 488 -1.34 -19.20 0.96
N TRP A 489 -2.46 -18.77 1.54
CA TRP A 489 -3.68 -19.54 1.39
C TRP A 489 -4.20 -19.50 -0.04
N GLU A 490 -4.06 -18.36 -0.73
CA GLU A 490 -4.46 -18.31 -2.13
C GLU A 490 -3.64 -19.25 -2.98
N CYS A 491 -2.31 -19.26 -2.78
CA CYS A 491 -1.46 -20.16 -3.54
C CYS A 491 -1.79 -21.62 -3.24
N VAL A 492 -2.06 -21.95 -1.98
CA VAL A 492 -2.40 -23.32 -1.63
C VAL A 492 -3.72 -23.71 -2.29
N VAL A 493 -4.72 -22.83 -2.25
CA VAL A 493 -6.03 -23.15 -2.80
C VAL A 493 -5.95 -23.36 -4.31
N VAL A 494 -5.28 -22.44 -5.01
CA VAL A 494 -5.20 -22.55 -6.46
C VAL A 494 -4.34 -23.74 -6.87
N ALA A 495 -3.18 -23.90 -6.23
CA ALA A 495 -2.21 -24.89 -6.69
C ALA A 495 -2.53 -26.30 -6.18
N TRP A 496 -2.87 -26.44 -4.91
CA TRP A 496 -3.01 -27.76 -4.32
C TRP A 496 -4.45 -28.28 -4.32
N VAL A 497 -5.36 -27.54 -3.69
CA VAL A 497 -6.74 -28.02 -3.60
C VAL A 497 -7.38 -28.07 -4.98
N TYR A 498 -7.28 -26.99 -5.73
CA TYR A 498 -7.85 -26.96 -7.08
C TYR A 498 -7.00 -27.77 -8.05
N GLY A 499 -5.69 -27.63 -7.97
CA GLY A 499 -4.79 -28.29 -8.89
C GLY A 499 -4.02 -27.30 -9.74
N ALA A 500 -2.72 -27.17 -9.48
CA ALA A 500 -1.90 -26.24 -10.26
C ALA A 500 -1.86 -26.64 -11.73
N ASP A 501 -1.76 -27.94 -12.00
CA ASP A 501 -1.69 -28.40 -13.38
C ASP A 501 -2.96 -28.05 -14.15
N ARG A 502 -4.12 -28.27 -13.53
CA ARG A 502 -5.38 -27.96 -14.20
C ARG A 502 -5.50 -26.46 -14.46
N PHE A 503 -5.08 -25.64 -13.51
CA PHE A 503 -5.15 -24.20 -13.70
C PHE A 503 -4.21 -23.75 -14.81
N MET A 504 -3.02 -24.35 -14.89
CA MET A 504 -2.11 -24.02 -15.99
C MET A 504 -2.71 -24.42 -17.33
N ASP A 505 -3.38 -25.59 -17.39
CA ASP A 505 -4.05 -25.98 -18.62
C ASP A 505 -5.16 -25.01 -18.99
N ASP A 506 -5.92 -24.55 -17.99
CA ASP A 506 -6.98 -23.59 -18.25
C ASP A 506 -6.42 -22.28 -18.78
N ILE A 507 -5.33 -21.79 -18.19
CA ILE A 507 -4.70 -20.57 -18.68
C ILE A 507 -4.17 -20.76 -20.09
N ALA A 508 -3.63 -21.95 -20.38
CA ALA A 508 -3.15 -22.22 -21.74
C ALA A 508 -4.29 -22.19 -22.74
N CYS A 509 -5.43 -22.79 -22.38
CA CYS A 509 -6.59 -22.74 -23.26
C CYS A 509 -7.20 -21.35 -23.33
N MET A 510 -6.90 -20.49 -22.36
CA MET A 510 -7.44 -19.14 -22.35
C MET A 510 -6.61 -18.19 -23.22
N ILE A 511 -5.31 -18.15 -22.98
CA ILE A 511 -4.43 -17.18 -23.64
C ILE A 511 -3.62 -17.80 -24.78
N GLY A 512 -3.90 -19.06 -25.11
CA GLY A 512 -3.24 -19.69 -26.23
C GLY A 512 -1.96 -20.43 -25.89
N TYR A 513 -0.90 -19.69 -25.55
CA TYR A 513 0.39 -20.30 -25.29
C TYR A 513 0.54 -20.70 -23.83
N ARG A 514 1.25 -21.79 -23.61
CA ARG A 514 1.50 -22.27 -22.26
C ARG A 514 2.53 -21.40 -21.56
N PRO A 515 2.23 -20.85 -20.39
CA PRO A 515 3.22 -20.03 -19.68
C PRO A 515 4.43 -20.87 -19.25
N CYS A 516 5.43 -20.18 -18.73
CA CYS A 516 6.65 -20.87 -18.30
C CYS A 516 6.36 -21.75 -17.09
N PRO A 517 7.00 -22.91 -16.98
CA PRO A 517 6.77 -23.78 -15.82
C PRO A 517 7.19 -23.15 -14.50
N TRP A 518 8.00 -22.09 -14.54
CA TRP A 518 8.35 -21.37 -13.34
C TRP A 518 7.11 -20.90 -12.59
N MET A 519 6.06 -20.55 -13.33
CA MET A 519 4.81 -20.14 -12.69
C MET A 519 4.22 -21.28 -11.88
N LYS A 520 4.19 -22.49 -12.46
CA LYS A 520 3.64 -23.64 -11.75
C LYS A 520 4.48 -23.98 -10.53
N TRP A 521 5.81 -23.96 -10.67
CA TRP A 521 6.66 -24.27 -9.53
C TRP A 521 6.57 -23.19 -8.46
N CYS A 522 6.26 -21.95 -8.84
CA CYS A 522 6.10 -20.90 -7.84
C CYS A 522 4.78 -21.07 -7.10
N TRP A 523 3.70 -21.38 -7.81
CA TRP A 523 2.42 -21.61 -7.14
C TRP A 523 2.48 -22.82 -6.23
N SER A 524 3.12 -23.90 -6.69
CA SER A 524 3.04 -25.16 -5.97
C SER A 524 3.93 -25.17 -4.73
N PHE A 525 5.23 -24.94 -4.90
CA PHE A 525 6.18 -25.10 -3.80
C PHE A 525 6.92 -23.84 -3.43
N PHE A 526 7.25 -22.96 -4.38
CA PHE A 526 8.17 -21.87 -4.07
C PHE A 526 7.51 -20.79 -3.23
N THR A 527 6.46 -20.15 -3.76
CA THR A 527 5.84 -19.04 -3.05
C THR A 527 5.21 -19.44 -1.72
N PRO A 528 4.42 -20.53 -1.62
CA PRO A 528 3.90 -20.90 -0.29
C PRO A 528 4.99 -21.15 0.73
N LEU A 529 6.09 -21.81 0.35
CA LEU A 529 7.16 -22.05 1.30
C LEU A 529 7.90 -20.76 1.65
N VAL A 530 8.02 -19.83 0.70
CA VAL A 530 8.63 -18.53 1.04
C VAL A 530 7.78 -17.81 2.07
N CYS A 531 6.46 -17.75 1.85
CA CYS A 531 5.59 -17.07 2.80
C CYS A 531 5.64 -17.76 4.16
N MET A 532 5.58 -19.10 4.17
CA MET A 532 5.61 -19.83 5.44
C MET A 532 6.95 -19.64 6.15
N GLY A 533 8.05 -19.63 5.40
CA GLY A 533 9.35 -19.43 6.02
C GLY A 533 9.51 -18.06 6.63
N ILE A 534 9.05 -17.02 5.93
CA ILE A 534 9.10 -15.68 6.49
C ILE A 534 8.24 -15.59 7.75
N PHE A 535 7.03 -16.14 7.68
CA PHE A 535 6.14 -16.12 8.84
C PHE A 535 6.77 -16.84 10.03
N ILE A 536 7.38 -17.99 9.80
CA ILE A 536 7.96 -18.76 10.90
C ILE A 536 9.19 -18.06 11.46
N PHE A 537 10.05 -17.55 10.59
CA PHE A 537 11.24 -16.84 11.07
C PHE A 537 10.89 -15.55 11.78
N ASN A 538 9.67 -15.03 11.59
CA ASN A 538 9.30 -13.87 12.36
C ASN A 538 8.58 -14.21 13.65
N VAL A 539 7.79 -15.29 13.67
CA VAL A 539 7.16 -15.70 14.93
C VAL A 539 8.21 -16.23 15.90
N VAL A 540 9.17 -17.01 15.40
CA VAL A 540 10.21 -17.56 16.27
C VAL A 540 11.10 -16.45 16.80
N TYR A 541 11.52 -15.54 15.94
CA TYR A 541 12.35 -14.40 16.33
C TYR A 541 11.49 -13.15 16.21
N TYR A 542 10.82 -12.79 17.31
CA TYR A 542 9.88 -11.69 17.32
C TYR A 542 10.54 -10.44 17.89
N GLU A 543 10.39 -9.32 17.19
CA GLU A 543 10.89 -8.04 17.64
C GLU A 543 9.72 -7.07 17.75
N PRO A 544 9.49 -6.45 18.92
CA PRO A 544 8.34 -5.54 19.05
C PRO A 544 8.44 -4.37 18.10
N LEU A 545 7.30 -3.93 17.60
CA LEU A 545 7.27 -2.81 16.67
C LEU A 545 7.80 -1.56 17.35
N VAL A 546 8.70 -0.86 16.66
CA VAL A 546 9.29 0.38 17.14
C VAL A 546 9.10 1.45 16.08
N TYR A 547 8.69 2.63 16.50
CA TYR A 547 8.43 3.74 15.59
C TYR A 547 9.61 4.70 15.61
N ASN A 548 10.29 4.83 14.47
CA ASN A 548 11.36 5.81 14.28
C ASN A 548 12.46 5.65 15.32
N ASN A 549 12.77 4.39 15.66
CA ASN A 549 13.86 4.03 16.56
C ASN A 549 13.75 4.68 17.94
N THR A 550 12.60 5.22 18.28
CA THR A 550 12.41 5.92 19.55
C THR A 550 11.36 5.26 20.43
N TYR A 551 10.16 5.01 19.89
CA TYR A 551 9.03 4.53 20.68
C TYR A 551 8.91 3.02 20.52
N VAL A 552 9.22 2.29 21.58
CA VAL A 552 9.03 0.85 21.62
C VAL A 552 7.59 0.59 22.06
N TYR A 553 6.81 -0.07 21.21
CA TYR A 553 5.39 -0.20 21.46
C TYR A 553 5.12 -1.05 22.69
N PRO A 554 4.20 -0.62 23.56
CA PRO A 554 3.84 -1.44 24.73
C PRO A 554 3.04 -2.67 24.33
N TRP A 555 2.76 -3.54 25.30
CA TRP A 555 2.12 -4.82 24.99
C TRP A 555 0.74 -4.63 24.40
N TRP A 556 -0.01 -3.65 24.88
CA TRP A 556 -1.38 -3.48 24.37
C TRP A 556 -1.40 -2.93 22.95
N GLY A 557 -0.40 -2.13 22.57
CA GLY A 557 -0.33 -1.68 21.18
C GLY A 557 -0.13 -2.83 20.21
N GLU A 558 0.82 -3.72 20.53
CA GLU A 558 1.00 -4.90 19.70
C GLU A 558 -0.20 -5.82 19.78
N ALA A 559 -0.90 -5.85 20.91
CA ALA A 559 -2.12 -6.64 21.01
C ALA A 559 -3.19 -6.10 20.07
N MET A 560 -3.32 -4.78 19.99
CA MET A 560 -4.27 -4.17 19.05
C MET A 560 -3.87 -4.45 17.61
N GLY A 561 -2.57 -4.38 17.31
CA GLY A 561 -2.12 -4.73 15.97
C GLY A 561 -2.44 -6.18 15.61
N TRP A 562 -2.19 -7.09 16.55
CA TRP A 562 -2.57 -8.48 16.33
C TRP A 562 -4.08 -8.64 16.23
N ALA A 563 -4.84 -7.78 16.90
CA ALA A 563 -6.30 -7.82 16.77
C ALA A 563 -6.72 -7.48 15.35
N PHE A 564 -6.11 -6.44 14.76
CA PHE A 564 -6.38 -6.13 13.36
C PHE A 564 -5.97 -7.30 12.45
N ALA A 565 -4.77 -7.83 12.69
CA ALA A 565 -4.27 -8.92 11.85
C ALA A 565 -5.17 -10.14 11.94
N LEU A 566 -5.64 -10.47 13.15
CA LEU A 566 -6.51 -11.62 13.32
C LEU A 566 -7.91 -11.36 12.76
N SER A 567 -8.44 -10.15 12.93
CA SER A 567 -9.73 -9.84 12.32
C SER A 567 -9.67 -10.01 10.82
N SER A 568 -8.50 -9.80 10.23
CA SER A 568 -8.34 -10.08 8.81
C SER A 568 -8.15 -11.56 8.53
N MET A 569 -7.25 -12.22 9.27
CA MET A 569 -6.82 -13.58 8.94
C MET A 569 -7.79 -14.66 9.36
N LEU A 570 -8.71 -14.39 10.29
CA LEU A 570 -9.62 -15.41 10.78
C LEU A 570 -10.73 -15.71 9.79
N CYS A 571 -10.84 -14.93 8.72
CA CYS A 571 -11.95 -15.11 7.78
C CYS A 571 -11.87 -16.46 7.07
N VAL A 572 -10.67 -16.95 6.77
CA VAL A 572 -10.53 -18.20 6.02
C VAL A 572 -10.83 -19.40 6.91
N PRO A 573 -10.13 -19.61 8.04
CA PRO A 573 -10.44 -20.80 8.85
C PRO A 573 -11.86 -20.81 9.39
N LEU A 574 -12.37 -19.65 9.82
CA LEU A 574 -13.73 -19.59 10.33
C LEU A 574 -14.74 -19.93 9.23
N HIS A 575 -14.53 -19.41 8.02
CA HIS A 575 -15.41 -19.73 6.92
C HIS A 575 -15.39 -21.22 6.60
N LEU A 576 -14.19 -21.82 6.59
CA LEU A 576 -14.09 -23.24 6.29
C LEU A 576 -14.80 -24.07 7.35
N LEU A 577 -14.59 -23.74 8.62
CA LEU A 577 -15.26 -24.49 9.69
C LEU A 577 -16.77 -24.32 9.63
N GLY A 578 -17.24 -23.09 9.38
CA GLY A 578 -18.67 -22.87 9.28
C GLY A 578 -19.30 -23.64 8.13
N CYS A 579 -18.64 -23.63 6.97
CA CYS A 579 -19.15 -24.38 5.83
C CYS A 579 -19.18 -25.88 6.12
N LEU A 580 -18.12 -26.42 6.73
CA LEU A 580 -18.10 -27.85 7.03
C LEU A 580 -19.16 -28.21 8.06
N LEU A 581 -19.31 -27.41 9.10
CA LEU A 581 -20.31 -27.71 10.13
C LEU A 581 -21.72 -27.63 9.57
N ARG A 582 -21.99 -26.64 8.72
CA ARG A 582 -23.33 -26.50 8.16
C ARG A 582 -23.65 -27.55 7.10
N ALA A 583 -22.66 -28.32 6.67
CA ALA A 583 -22.90 -29.40 5.73
C ALA A 583 -23.27 -30.68 6.48
N LYS A 584 -23.52 -31.75 5.72
CA LYS A 584 -23.94 -33.02 6.29
C LYS A 584 -23.03 -34.14 5.78
N GLY A 585 -23.07 -35.27 6.49
CA GLY A 585 -22.22 -36.40 6.17
C GLY A 585 -20.88 -36.35 6.89
N THR A 586 -20.09 -37.40 6.66
CA THR A 586 -18.76 -37.44 7.24
C THR A 586 -17.85 -36.45 6.53
N MET A 587 -16.71 -36.15 7.16
CA MET A 587 -15.85 -35.07 6.69
C MET A 587 -15.31 -35.32 5.28
N ALA A 588 -15.17 -36.58 4.88
CA ALA A 588 -14.64 -36.87 3.55
C ALA A 588 -15.55 -36.36 2.45
N GLU A 589 -16.84 -36.73 2.51
CA GLU A 589 -17.76 -36.26 1.48
C GLU A 589 -18.05 -34.79 1.61
N ARG A 590 -18.00 -34.24 2.84
CA ARG A 590 -18.13 -32.80 3.01
C ARG A 590 -17.01 -32.07 2.28
N TRP A 591 -15.77 -32.53 2.46
CA TRP A 591 -14.65 -31.92 1.76
C TRP A 591 -14.79 -32.07 0.26
N GLN A 592 -15.20 -33.25 -0.21
CA GLN A 592 -15.34 -33.47 -1.65
C GLN A 592 -16.41 -32.56 -2.25
N HIS A 593 -17.55 -32.42 -1.58
CA HIS A 593 -18.66 -31.66 -2.12
C HIS A 593 -18.44 -30.16 -2.00
N LEU A 594 -17.82 -29.70 -0.91
CA LEU A 594 -17.68 -28.27 -0.69
C LEU A 594 -16.52 -27.65 -1.45
N THR A 595 -15.62 -28.45 -2.02
CA THR A 595 -14.53 -27.93 -2.84
C THR A 595 -14.81 -28.05 -4.33
N GLN A 596 -15.97 -28.57 -4.71
CA GLN A 596 -16.29 -28.72 -6.13
C GLN A 596 -16.47 -27.35 -6.76
N PRO A 597 -15.77 -27.06 -7.86
CA PRO A 597 -15.91 -25.74 -8.49
C PRO A 597 -17.31 -25.51 -9.02
N ILE A 598 -17.74 -24.25 -8.97
CA ILE A 598 -19.05 -23.85 -9.49
C ILE A 598 -18.83 -23.02 -10.75
N TRP A 599 -18.88 -23.69 -11.91
CA TRP A 599 -18.54 -23.04 -13.16
C TRP A 599 -19.64 -22.09 -13.61
N GLY A 600 -19.22 -21.00 -14.26
CA GLY A 600 -20.15 -20.03 -14.81
C GLY A 600 -20.71 -20.47 -16.14
N LEU A 601 -21.45 -19.55 -16.77
CA LEU A 601 -22.10 -19.87 -18.03
C LEU A 601 -21.08 -20.05 -19.16
N HIS A 602 -19.99 -19.27 -19.14
CA HIS A 602 -19.01 -19.36 -20.22
C HIS A 602 -18.32 -20.71 -20.23
N HIS A 603 -17.96 -21.23 -19.05
CA HIS A 603 -17.20 -22.46 -18.97
C HIS A 603 -18.06 -23.67 -19.33
CL CL B . 6.59 -1.59 -5.11
#